data_3KYE
#
_entry.id   3KYE
#
_cell.length_a   66.422
_cell.length_b   155.341
_cell.length_c   48.958
_cell.angle_alpha   90.00
_cell.angle_beta   90.00
_cell.angle_gamma   90.00
#
_symmetry.space_group_name_H-M   'P 21 21 2'
#
loop_
_entity.id
_entity.type
_entity.pdbx_description
1 polymer 'Roadblock/LC7 domain, Robl_LC7'
2 water water
#
_entity_poly.entity_id   1
_entity_poly.type   'polypeptide(L)'
_entity_poly.pdbx_seq_one_letter_code
;(MSE)GSSHHHHHHSSGRENLYFQGHHVSDLDWL(MSE)SGLVQRVPHTTSAVLLSCDGLVKSVHGLDPDSADH(MSE)A
ALASGLYSLGRSAGIRFGDGGDVRQVVVELDSTLLFVSTAGSGTCLAVLAGREADAAVLGYE(MSE)A(MSE)LVKSVRP
YL(MSE)TAPRQGS
;
_entity_poly.pdbx_strand_id   A,B,C,D
#
# COMPACT_ATOMS: atom_id res chain seq x y z
N VAL A 24 -17.34 -29.74 -12.79
CA VAL A 24 -18.20 -28.58 -12.56
C VAL A 24 -19.01 -28.74 -11.25
N SER A 25 -20.27 -29.17 -11.37
CA SER A 25 -20.99 -29.70 -10.23
C SER A 25 -20.20 -30.90 -9.73
N ASP A 26 -19.51 -31.60 -10.65
CA ASP A 26 -18.62 -32.72 -10.30
C ASP A 26 -17.50 -32.28 -9.34
N LEU A 27 -16.80 -31.20 -9.67
CA LEU A 27 -15.79 -30.64 -8.76
C LEU A 27 -16.45 -30.10 -7.51
N ASP A 28 -17.63 -29.49 -7.64
CA ASP A 28 -18.34 -28.98 -6.46
C ASP A 28 -18.49 -30.11 -5.47
N TRP A 29 -18.89 -31.28 -6.00
CA TRP A 29 -19.04 -32.51 -5.23
C TRP A 29 -17.76 -32.81 -4.43
N LEU A 30 -16.60 -32.77 -5.09
CA LEU A 30 -15.34 -33.00 -4.38
C LEU A 30 -15.03 -31.94 -3.34
N MSE A 31 -15.38 -30.68 -3.61
CA MSE A 31 -15.18 -29.66 -2.59
C MSE A 31 -15.99 -30.01 -1.34
O MSE A 31 -15.47 -29.88 -0.23
CB MSE A 31 -15.55 -28.25 -3.09
CG MSE A 31 -14.78 -27.78 -4.32
SE MSE A 31 -12.86 -27.70 -3.96
CE MSE A 31 -12.18 -29.08 -5.20
N SER A 32 -17.26 -30.46 -1.51
CA SER A 32 -18.05 -30.86 -0.34
C SER A 32 -17.42 -32.02 0.36
N GLY A 33 -17.09 -33.06 -0.40
CA GLY A 33 -16.40 -34.20 0.16
C GLY A 33 -15.31 -33.77 1.13
N LEU A 34 -14.50 -32.78 0.72
CA LEU A 34 -13.42 -32.33 1.60
C LEU A 34 -13.93 -31.72 2.88
N VAL A 35 -14.92 -30.84 2.75
CA VAL A 35 -15.45 -30.17 3.93
C VAL A 35 -16.04 -31.20 4.89
N GLN A 36 -16.75 -32.19 4.34
CA GLN A 36 -17.36 -33.27 5.13
C GLN A 36 -16.36 -34.16 5.85
N ARG A 37 -15.26 -34.49 5.20
CA ARG A 37 -14.20 -35.30 5.83
C ARG A 37 -13.41 -34.56 6.93
N VAL A 38 -13.39 -33.22 6.88
CA VAL A 38 -12.58 -32.48 7.83
C VAL A 38 -13.37 -31.53 8.74
N PRO A 39 -13.71 -31.99 9.95
CA PRO A 39 -14.32 -31.12 10.97
C PRO A 39 -13.71 -29.73 11.05
N HIS A 40 -14.60 -28.75 11.18
CA HIS A 40 -14.27 -27.35 11.42
C HIS A 40 -13.92 -26.58 10.18
N THR A 41 -13.85 -27.27 9.04
CA THR A 41 -13.63 -26.56 7.78
C THR A 41 -14.96 -25.96 7.41
N THR A 42 -14.96 -24.81 6.74
CA THR A 42 -16.24 -24.18 6.42
C THR A 42 -16.43 -24.02 4.91
N SER A 43 -15.34 -23.99 4.16
CA SER A 43 -15.45 -23.83 2.72
C SER A 43 -14.19 -24.27 2.04
N ALA A 44 -14.34 -24.58 0.76
CA ALA A 44 -13.25 -25.01 -0.09
C ALA A 44 -13.53 -24.43 -1.46
N VAL A 45 -12.57 -23.67 -1.98
CA VAL A 45 -12.65 -23.18 -3.33
C VAL A 45 -11.47 -23.68 -4.17
N LEU A 46 -11.78 -24.10 -5.39
CA LEU A 46 -10.73 -24.39 -6.37
C LEU A 46 -10.59 -23.23 -7.30
N LEU A 47 -9.39 -22.69 -7.47
CA LEU A 47 -9.26 -21.49 -8.31
C LEU A 47 -8.17 -21.59 -9.37
N SER A 48 -8.35 -20.90 -10.49
CA SER A 48 -7.23 -20.69 -11.41
C SER A 48 -6.25 -19.75 -10.67
N CYS A 49 -4.96 -19.86 -10.98
CA CYS A 49 -3.98 -18.96 -10.35
C CYS A 49 -4.26 -17.51 -10.76
N ASP A 50 -4.86 -17.34 -11.94
CA ASP A 50 -5.27 -16.03 -12.42
C ASP A 50 -6.60 -15.60 -11.80
N GLY A 51 -6.96 -16.26 -10.70
CA GLY A 51 -8.01 -15.76 -9.85
C GLY A 51 -9.45 -15.99 -10.23
N LEU A 52 -9.75 -17.04 -11.02
CA LEU A 52 -11.14 -17.38 -11.31
C LEU A 52 -11.59 -18.62 -10.53
N VAL A 53 -12.80 -18.54 -9.98
CA VAL A 53 -13.41 -19.70 -9.33
C VAL A 53 -13.66 -20.83 -10.34
N LYS A 54 -13.23 -22.04 -10.01
CA LYS A 54 -13.50 -23.20 -10.88
C LYS A 54 -14.58 -24.08 -10.25
N SER A 55 -14.59 -24.12 -8.92
CA SER A 55 -15.65 -24.79 -8.17
C SER A 55 -15.58 -24.41 -6.70
N VAL A 56 -16.70 -24.50 -6.01
CA VAL A 56 -16.74 -24.08 -4.62
C VAL A 56 -17.73 -24.86 -3.80
N HIS A 57 -17.37 -25.14 -2.55
CA HIS A 57 -18.38 -25.51 -1.55
C HIS A 57 -18.33 -24.62 -0.31
N GLY A 58 -19.50 -24.11 0.10
CA GLY A 58 -19.63 -23.40 1.35
C GLY A 58 -19.51 -21.89 1.32
N LEU A 59 -19.29 -21.31 0.15
CA LEU A 59 -19.38 -19.87 -0.02
C LEU A 59 -20.40 -19.55 -1.08
N ASP A 60 -21.20 -18.52 -0.83
CA ASP A 60 -22.05 -17.96 -1.86
C ASP A 60 -21.16 -17.49 -3.01
N PRO A 61 -21.74 -17.32 -4.20
CA PRO A 61 -20.93 -17.10 -5.40
C PRO A 61 -20.11 -15.82 -5.36
N ASP A 62 -20.64 -14.76 -4.72
CA ASP A 62 -19.91 -13.50 -4.56
C ASP A 62 -18.69 -13.63 -3.64
N SER A 63 -18.89 -14.24 -2.48
CA SER A 63 -17.78 -14.48 -1.57
C SER A 63 -16.73 -15.38 -2.21
N ALA A 64 -17.18 -16.30 -3.05
CA ALA A 64 -16.21 -17.21 -3.67
C ALA A 64 -15.30 -16.44 -4.63
N ASP A 65 -15.87 -15.47 -5.34
CA ASP A 65 -15.09 -14.70 -6.28
C ASP A 65 -14.04 -13.90 -5.50
N HIS A 66 -14.42 -13.44 -4.30
CA HIS A 66 -13.49 -12.69 -3.44
C HIS A 66 -12.38 -13.60 -2.93
N MSE A 67 -12.75 -14.83 -2.62
CA MSE A 67 -11.82 -15.84 -2.16
C MSE A 67 -10.84 -16.12 -3.30
O MSE A 67 -9.64 -16.12 -3.10
CB MSE A 67 -12.56 -17.14 -1.77
CG MSE A 67 -11.59 -18.26 -1.35
SE MSE A 67 -10.37 -17.60 0.10
CE MSE A 67 -11.69 -17.48 1.54
N ALA A 68 -11.34 -16.34 -4.51
CA ALA A 68 -10.45 -16.61 -5.63
C ALA A 68 -9.46 -15.46 -5.87
N ALA A 69 -9.93 -14.21 -5.73
CA ALA A 69 -9.04 -13.04 -5.83
C ALA A 69 -8.04 -13.03 -4.70
N LEU A 70 -8.50 -13.10 -3.46
CA LEU A 70 -7.55 -12.99 -2.36
C LEU A 70 -6.55 -14.18 -2.40
N ALA A 71 -7.03 -15.41 -2.60
CA ALA A 71 -6.16 -16.57 -2.63
C ALA A 71 -5.14 -16.50 -3.76
N SER A 72 -5.53 -16.02 -4.94
CA SER A 72 -4.57 -15.98 -6.03
C SER A 72 -3.54 -14.87 -5.71
N GLY A 73 -3.94 -13.93 -4.89
CA GLY A 73 -3.03 -12.86 -4.47
C GLY A 73 -2.00 -13.47 -3.55
N LEU A 74 -2.46 -14.26 -2.58
CA LEU A 74 -1.53 -14.96 -1.68
C LEU A 74 -0.59 -15.85 -2.47
N TYR A 75 -1.15 -16.62 -3.42
CA TYR A 75 -0.35 -17.54 -4.21
C TYR A 75 0.71 -16.76 -4.99
N SER A 76 0.28 -15.69 -5.64
CA SER A 76 1.19 -14.91 -6.45
C SER A 76 2.37 -14.34 -5.61
N LEU A 77 2.10 -13.87 -4.39
CA LEU A 77 3.22 -13.35 -3.55
C LEU A 77 4.11 -14.51 -3.08
N GLY A 78 3.47 -15.61 -2.68
CA GLY A 78 4.20 -16.82 -2.28
C GLY A 78 5.08 -17.37 -3.40
N ARG A 79 4.57 -17.28 -4.62
CA ARG A 79 5.34 -17.68 -5.79
C ARG A 79 6.56 -16.79 -5.99
N SER A 80 6.38 -15.47 -5.90
CA SER A 80 7.51 -14.57 -5.97
C SER A 80 8.56 -14.99 -4.96
N ALA A 81 8.12 -15.28 -3.74
CA ALA A 81 9.03 -15.68 -2.69
C ALA A 81 9.80 -16.93 -3.12
N GLY A 82 9.08 -17.89 -3.72
CA GLY A 82 9.72 -19.12 -4.14
C GLY A 82 10.85 -18.85 -5.12
N ILE A 83 10.54 -18.04 -6.14
CA ILE A 83 11.54 -17.68 -7.14
C ILE A 83 12.80 -17.05 -6.55
N ARG A 84 12.64 -16.21 -5.53
CA ARG A 84 13.77 -15.49 -4.95
C ARG A 84 14.51 -16.28 -3.88
N PHE A 85 13.76 -16.97 -3.03
CA PHE A 85 14.32 -17.67 -1.88
C PHE A 85 14.23 -19.22 -2.00
N GLY A 86 13.37 -19.72 -2.88
CA GLY A 86 13.28 -21.15 -3.10
C GLY A 86 14.42 -21.67 -3.96
N ASP A 87 14.45 -22.98 -4.16
CA ASP A 87 15.45 -23.55 -5.07
C ASP A 87 14.86 -24.52 -6.12
N GLY A 88 13.83 -24.05 -6.83
CA GLY A 88 13.33 -24.78 -7.98
C GLY A 88 11.84 -25.06 -7.96
N GLY A 89 11.39 -25.74 -6.90
CA GLY A 89 10.01 -26.11 -6.74
C GLY A 89 9.11 -24.90 -6.48
N ASP A 90 7.82 -25.09 -6.64
CA ASP A 90 6.91 -23.98 -6.51
C ASP A 90 6.53 -23.78 -5.05
N VAL A 91 5.90 -22.66 -4.73
CA VAL A 91 5.36 -22.50 -3.38
C VAL A 91 4.42 -23.69 -3.17
N ARG A 92 4.44 -24.25 -1.98
CA ARG A 92 3.64 -25.42 -1.75
C ARG A 92 2.33 -25.02 -1.12
N GLN A 93 2.37 -24.03 -0.23
CA GLN A 93 1.17 -23.63 0.52
C GLN A 93 1.36 -22.25 1.18
N VAL A 94 0.27 -21.50 1.31
CA VAL A 94 0.30 -20.25 2.12
C VAL A 94 -0.78 -20.38 3.16
N VAL A 95 -0.42 -20.17 4.41
CA VAL A 95 -1.38 -20.26 5.47
C VAL A 95 -1.54 -18.87 6.11
N VAL A 96 -2.78 -18.42 6.24
CA VAL A 96 -3.06 -17.19 6.99
C VAL A 96 -3.71 -17.61 8.26
N GLU A 97 -3.09 -17.26 9.39
CA GLU A 97 -3.71 -17.56 10.67
C GLU A 97 -4.34 -16.32 11.29
N LEU A 98 -5.66 -16.33 11.44
CA LEU A 98 -6.39 -15.20 11.98
C LEU A 98 -6.75 -15.48 13.42
N ASP A 99 -7.39 -14.51 14.09
CA ASP A 99 -7.79 -14.65 15.50
C ASP A 99 -8.51 -15.97 15.80
N SER A 100 -9.55 -16.28 15.03
CA SER A 100 -10.33 -17.50 15.27
C SER A 100 -10.47 -18.49 14.07
N THR A 101 -9.76 -18.23 12.97
CA THR A 101 -9.86 -19.07 11.77
C THR A 101 -8.54 -19.12 10.98
N LEU A 102 -8.49 -20.02 9.99
CA LEU A 102 -7.30 -20.20 9.16
C LEU A 102 -7.70 -20.27 7.71
N LEU A 103 -6.90 -19.67 6.84
CA LEU A 103 -7.08 -19.80 5.42
C LEU A 103 -5.84 -20.55 4.92
N PHE A 104 -6.06 -21.71 4.28
CA PHE A 104 -4.94 -22.47 3.68
C PHE A 104 -5.09 -22.31 2.18
N VAL A 105 -4.01 -21.95 1.48
CA VAL A 105 -4.05 -21.92 0.04
C VAL A 105 -2.97 -22.88 -0.47
N SER A 106 -3.37 -23.97 -1.16
CA SER A 106 -2.41 -24.97 -1.62
C SER A 106 -2.23 -24.90 -3.10
N THR A 107 -0.99 -25.02 -3.54
CA THR A 107 -0.73 -25.19 -4.95
C THR A 107 -1.24 -26.54 -5.50
N ALA A 108 -2.05 -26.49 -6.55
CA ALA A 108 -2.57 -27.72 -7.14
C ALA A 108 -1.94 -28.09 -8.50
N GLY A 109 -1.02 -27.25 -8.95
CA GLY A 109 -0.39 -27.41 -10.26
C GLY A 109 -1.31 -26.95 -11.38
N SER A 110 -0.78 -26.87 -12.59
CA SER A 110 -1.61 -26.63 -13.77
C SER A 110 -2.43 -25.33 -13.67
N GLY A 111 -1.82 -24.28 -13.12
CA GLY A 111 -2.49 -23.00 -12.92
C GLY A 111 -3.69 -23.00 -11.98
N THR A 112 -3.62 -23.85 -10.95
CA THR A 112 -4.73 -24.03 -10.03
C THR A 112 -4.28 -23.95 -8.55
N CYS A 113 -5.16 -23.44 -7.68
CA CYS A 113 -4.96 -23.49 -6.23
C CYS A 113 -6.23 -23.99 -5.54
N LEU A 114 -6.04 -24.58 -4.36
CA LEU A 114 -7.13 -24.94 -3.46
C LEU A 114 -7.08 -24.04 -2.25
N ALA A 115 -8.19 -23.34 -2.00
CA ALA A 115 -8.26 -22.41 -0.87
C ALA A 115 -9.29 -22.95 0.12
N VAL A 116 -8.85 -23.17 1.34
CA VAL A 116 -9.77 -23.74 2.33
C VAL A 116 -9.82 -22.85 3.56
N LEU A 117 -11.02 -22.56 4.03
CA LEU A 117 -11.19 -21.78 5.26
C LEU A 117 -11.60 -22.76 6.33
N ALA A 118 -11.13 -22.51 7.53
CA ALA A 118 -11.42 -23.41 8.63
C ALA A 118 -11.39 -22.59 9.92
N GLY A 119 -12.16 -23.01 10.90
CA GLY A 119 -12.02 -22.49 12.23
C GLY A 119 -10.71 -23.02 12.80
N ARG A 120 -10.14 -22.27 13.74
CA ARG A 120 -8.86 -22.60 14.35
C ARG A 120 -8.90 -23.88 15.17
N GLU A 121 -10.09 -24.48 15.28
CA GLU A 121 -10.30 -25.74 16.00
C GLU A 121 -10.00 -26.95 15.13
N ALA A 122 -9.75 -26.74 13.84
CA ALA A 122 -9.55 -27.88 12.94
C ALA A 122 -8.24 -28.63 13.20
N ASP A 123 -8.25 -29.94 12.97
CA ASP A 123 -7.07 -30.79 13.18
C ASP A 123 -6.07 -30.72 12.03
N ALA A 124 -4.96 -30.01 12.25
CA ALA A 124 -3.99 -29.72 11.21
C ALA A 124 -3.37 -30.95 10.54
N ALA A 125 -3.30 -32.06 11.27
CA ALA A 125 -2.81 -33.31 10.70
C ALA A 125 -3.74 -33.83 9.59
N VAL A 126 -5.02 -33.89 9.88
CA VAL A 126 -6.00 -34.41 8.94
C VAL A 126 -6.18 -33.45 7.77
N LEU A 127 -6.39 -32.18 8.09
CA LEU A 127 -6.65 -31.17 7.09
C LEU A 127 -5.49 -31.11 6.10
N GLY A 128 -4.28 -31.20 6.63
CA GLY A 128 -3.09 -31.23 5.81
C GLY A 128 -3.12 -32.43 4.87
N TYR A 129 -3.50 -33.60 5.39
CA TYR A 129 -3.57 -34.82 4.58
C TYR A 129 -4.69 -34.74 3.52
N GLU A 130 -5.86 -34.32 3.98
CA GLU A 130 -7.03 -34.23 3.11
C GLU A 130 -6.84 -33.28 1.95
N MSE A 131 -6.13 -32.18 2.19
CA MSE A 131 -5.92 -31.19 1.15
C MSE A 131 -4.93 -31.66 0.11
O MSE A 131 -5.15 -31.45 -1.08
CB MSE A 131 -5.48 -29.84 1.74
CG MSE A 131 -6.62 -29.04 2.35
SE MSE A 131 -5.99 -27.32 3.13
CE MSE A 131 -5.84 -26.28 1.46
N ALA A 132 -3.83 -32.29 0.55
CA ALA A 132 -2.91 -32.90 -0.41
C ALA A 132 -3.65 -33.93 -1.25
N MSE A 133 -4.51 -34.72 -0.61
CA MSE A 133 -5.25 -35.76 -1.37
C MSE A 133 -6.20 -35.12 -2.39
O MSE A 133 -6.28 -35.55 -3.53
CB MSE A 133 -6.02 -36.73 -0.47
CG MSE A 133 -5.17 -37.72 0.36
SE MSE A 133 -3.69 -38.58 -0.62
CE MSE A 133 -2.27 -37.26 -0.35
N LEU A 134 -6.91 -34.06 -1.97
CA LEU A 134 -7.91 -33.42 -2.82
C LEU A 134 -7.26 -32.87 -4.10
N VAL A 135 -6.09 -32.28 -3.93
CA VAL A 135 -5.34 -31.69 -5.03
C VAL A 135 -5.01 -32.76 -6.04
N LYS A 136 -4.65 -33.93 -5.54
CA LYS A 136 -4.42 -35.04 -6.48
C LYS A 136 -5.76 -35.60 -7.04
N SER A 137 -6.76 -35.64 -6.17
CA SER A 137 -8.06 -36.20 -6.53
C SER A 137 -8.75 -35.48 -7.67
N VAL A 138 -8.61 -34.15 -7.72
CA VAL A 138 -9.33 -33.37 -8.72
C VAL A 138 -8.63 -33.48 -10.06
N ARG A 139 -7.36 -33.88 -10.01
CA ARG A 139 -6.52 -33.80 -11.19
C ARG A 139 -7.16 -34.36 -12.48
N PRO A 140 -7.83 -35.53 -12.40
CA PRO A 140 -8.50 -36.10 -13.57
C PRO A 140 -9.67 -35.27 -14.10
N TYR A 141 -10.40 -34.56 -13.22
CA TYR A 141 -11.49 -33.68 -13.69
C TYR A 141 -10.96 -32.37 -14.24
N LEU A 142 -9.65 -32.17 -14.20
CA LEU A 142 -9.06 -30.98 -14.79
C LEU A 142 -8.31 -31.31 -16.06
N MSE A 143 -8.72 -32.38 -16.71
CA MSE A 143 -8.06 -32.83 -17.94
C MSE A 143 -9.00 -33.59 -18.86
O MSE A 143 -9.19 -34.81 -18.72
CB MSE A 143 -6.82 -33.65 -17.61
CG MSE A 143 -5.51 -32.89 -17.77
SE MSE A 143 -4.35 -32.90 -16.20
CE MSE A 143 -4.27 -34.83 -15.90
N HIS B 23 12.53 5.14 15.50
CA HIS B 23 13.74 4.66 16.17
C HIS B 23 13.91 3.14 15.92
N VAL B 24 13.14 2.62 14.97
CA VAL B 24 13.15 1.20 14.63
C VAL B 24 14.16 0.87 13.51
N SER B 25 14.74 1.94 12.95
CA SER B 25 15.76 1.90 11.91
C SER B 25 17.13 1.28 12.29
N ASP B 26 17.40 1.13 13.59
CA ASP B 26 18.73 0.67 14.04
C ASP B 26 18.64 -0.55 14.94
N LEU B 27 17.68 -1.40 14.68
CA LEU B 27 17.53 -2.61 15.47
C LEU B 27 18.20 -3.80 14.78
N ASP B 28 19.22 -3.57 13.96
CA ASP B 28 19.76 -4.72 13.24
C ASP B 28 20.20 -5.73 14.30
N TRP B 29 20.72 -5.24 15.42
CA TRP B 29 21.09 -6.14 16.51
C TRP B 29 19.94 -6.99 17.09
N LEU B 30 18.70 -6.52 16.96
CA LEU B 30 17.57 -7.30 17.49
C LEU B 30 17.22 -8.38 16.49
N MSE B 31 17.32 -8.04 15.20
CA MSE B 31 17.12 -9.01 14.11
C MSE B 31 18.15 -10.15 14.24
O MSE B 31 17.81 -11.32 14.11
CB MSE B 31 17.28 -8.34 12.74
CG MSE B 31 16.20 -7.34 12.37
SE MSE B 31 14.34 -7.94 12.75
CE MSE B 31 14.08 -6.94 14.40
N SER B 32 19.42 -9.81 14.48
CA SER B 32 20.37 -10.91 14.60
C SER B 32 20.19 -11.67 15.92
N GLY B 33 19.80 -10.97 16.98
CA GLY B 33 19.53 -11.65 18.25
C GLY B 33 18.52 -12.77 18.08
N LEU B 34 17.54 -12.52 17.20
CA LEU B 34 16.58 -13.55 16.84
C LEU B 34 17.24 -14.61 15.96
N VAL B 35 17.89 -14.18 14.88
CA VAL B 35 18.47 -15.14 13.95
C VAL B 35 19.47 -16.04 14.70
N GLN B 36 20.29 -15.46 15.57
CA GLN B 36 21.29 -16.23 16.33
C GLN B 36 20.68 -17.19 17.36
N ARG B 37 19.41 -16.99 17.71
CA ARG B 37 18.79 -17.73 18.81
C ARG B 37 17.89 -18.85 18.34
N VAL B 38 17.67 -18.92 17.03
CA VAL B 38 16.89 -20.04 16.48
C VAL B 38 17.53 -20.60 15.21
N PRO B 39 18.36 -21.63 15.40
CA PRO B 39 19.05 -22.33 14.31
C PRO B 39 18.10 -22.65 13.17
N HIS B 40 18.65 -22.60 11.97
CA HIS B 40 17.89 -22.77 10.75
C HIS B 40 17.10 -21.54 10.31
N THR B 41 17.01 -20.50 11.13
CA THR B 41 16.56 -19.23 10.58
C THR B 41 17.71 -18.63 9.79
N THR B 42 17.42 -17.86 8.75
CA THR B 42 18.44 -17.33 7.85
C THR B 42 18.43 -15.78 7.78
N SER B 43 17.26 -15.21 8.03
CA SER B 43 16.99 -13.78 7.83
C SER B 43 15.85 -13.32 8.73
N ALA B 44 15.92 -12.07 9.15
CA ALA B 44 14.84 -11.44 9.86
C ALA B 44 14.84 -10.02 9.33
N VAL B 45 13.66 -9.55 8.99
CA VAL B 45 13.50 -8.19 8.51
C VAL B 45 12.34 -7.53 9.25
N LEU B 46 12.59 -6.34 9.75
CA LEU B 46 11.56 -5.60 10.41
C LEU B 46 11.18 -4.49 9.44
N LEU B 47 9.91 -4.41 9.09
CA LEU B 47 9.48 -3.55 8.00
C LEU B 47 8.26 -2.72 8.35
N SER B 48 8.12 -1.61 7.66
CA SER B 48 6.87 -0.85 7.75
C SER B 48 5.90 -1.59 6.87
N CYS B 49 4.62 -1.47 7.21
CA CYS B 49 3.58 -2.23 6.56
C CYS B 49 3.32 -1.73 5.13
N ASP B 50 3.91 -0.59 4.79
CA ASP B 50 4.00 -0.16 3.39
C ASP B 50 5.15 -0.84 2.61
N GLY B 51 5.91 -1.71 3.27
CA GLY B 51 6.92 -2.51 2.60
C GLY B 51 8.38 -2.03 2.66
N LEU B 52 8.68 -1.03 3.48
CA LEU B 52 10.06 -0.52 3.55
C LEU B 52 10.89 -1.12 4.69
N VAL B 53 12.11 -1.55 4.37
CA VAL B 53 12.99 -2.15 5.36
C VAL B 53 13.34 -1.17 6.46
N LYS B 54 13.26 -1.59 7.71
CA LYS B 54 13.68 -0.69 8.81
C LYS B 54 14.96 -1.26 9.43
N SER B 55 14.92 -2.55 9.78
CA SER B 55 16.11 -3.26 10.24
C SER B 55 16.11 -4.62 9.62
N VAL B 56 17.30 -5.18 9.49
CA VAL B 56 17.43 -6.46 8.82
C VAL B 56 18.70 -7.17 9.25
N HIS B 57 18.63 -8.49 9.29
CA HIS B 57 19.83 -9.31 9.41
C HIS B 57 19.68 -10.47 8.47
N GLY B 58 20.74 -10.76 7.71
CA GLY B 58 20.77 -11.96 6.90
C GLY B 58 20.54 -11.79 5.41
N LEU B 59 20.11 -10.60 5.00
CA LEU B 59 19.83 -10.33 3.60
C LEU B 59 20.60 -9.10 3.23
N ASP B 60 21.05 -9.05 1.98
CA ASP B 60 21.63 -7.83 1.45
C ASP B 60 20.52 -6.81 1.17
N PRO B 61 20.90 -5.53 1.02
CA PRO B 61 19.99 -4.41 0.79
C PRO B 61 18.87 -4.69 -0.21
N ASP B 62 19.20 -5.30 -1.35
CA ASP B 62 18.21 -5.59 -2.39
C ASP B 62 17.26 -6.73 -2.04
N SER B 63 17.82 -7.80 -1.47
CA SER B 63 16.98 -8.92 -1.09
C SER B 63 15.98 -8.46 -0.01
N ALA B 64 16.43 -7.57 0.87
CA ALA B 64 15.61 -7.06 1.96
C ALA B 64 14.46 -6.19 1.47
N ASP B 65 14.74 -5.32 0.50
CA ASP B 65 13.67 -4.49 -0.06
C ASP B 65 12.60 -5.38 -0.65
N HIS B 66 13.07 -6.47 -1.27
CA HIS B 66 12.18 -7.40 -1.93
C HIS B 66 11.40 -8.21 -0.88
N MSE B 67 12.10 -8.72 0.12
CA MSE B 67 11.46 -9.45 1.20
C MSE B 67 10.40 -8.57 1.86
O MSE B 67 9.31 -9.04 2.17
CB MSE B 67 12.47 -9.87 2.25
CG MSE B 67 11.79 -10.29 3.57
SE MSE B 67 10.84 -11.95 3.15
CE MSE B 67 12.43 -13.10 3.15
N ALA B 68 10.73 -7.30 2.06
CA ALA B 68 9.76 -6.42 2.74
C ALA B 68 8.54 -6.14 1.86
N ALA B 69 8.76 -6.04 0.55
CA ALA B 69 7.59 -5.87 -0.32
C ALA B 69 6.68 -7.09 -0.24
N LEU B 70 7.27 -8.29 -0.23
CA LEU B 70 6.44 -9.52 -0.19
C LEU B 70 5.72 -9.61 1.14
N ALA B 71 6.45 -9.39 2.22
CA ALA B 71 5.88 -9.58 3.54
C ALA B 71 4.70 -8.63 3.77
N SER B 72 4.83 -7.40 3.31
CA SER B 72 3.76 -6.42 3.51
C SER B 72 2.56 -6.77 2.64
N GLY B 73 2.79 -7.25 1.42
CA GLY B 73 1.65 -7.70 0.62
C GLY B 73 0.94 -8.88 1.30
N LEU B 74 1.72 -9.80 1.86
CA LEU B 74 1.13 -11.01 2.49
C LEU B 74 0.32 -10.60 3.71
N TYR B 75 0.87 -9.67 4.46
CA TYR B 75 0.19 -9.24 5.66
C TYR B 75 -1.10 -8.51 5.29
N SER B 76 -1.04 -7.62 4.30
N SER B 76 -1.00 -7.62 4.31
CA SER B 76 -2.27 -6.91 3.90
CA SER B 76 -2.19 -6.92 3.84
C SER B 76 -3.36 -7.84 3.29
C SER B 76 -3.27 -7.92 3.44
N LEU B 77 -2.95 -8.81 2.50
CA LEU B 77 -3.97 -9.79 1.99
C LEU B 77 -4.53 -10.63 3.13
N GLY B 78 -3.64 -11.09 4.02
CA GLY B 78 -4.03 -11.76 5.24
C GLY B 78 -5.06 -10.98 6.03
N ARG B 79 -4.78 -9.71 6.30
CA ARG B 79 -5.73 -8.90 7.06
C ARG B 79 -7.03 -8.71 6.28
N SER B 80 -6.95 -8.55 4.97
CA SER B 80 -8.19 -8.41 4.20
C SER B 80 -9.09 -9.65 4.21
N ALA B 81 -8.48 -10.85 4.15
CA ALA B 81 -9.23 -12.10 4.29
C ALA B 81 -9.97 -12.13 5.61
N GLY B 82 -9.29 -11.75 6.71
CA GLY B 82 -9.95 -11.63 7.99
C GLY B 82 -11.14 -10.70 7.91
N ILE B 83 -10.98 -9.54 7.29
CA ILE B 83 -12.12 -8.63 7.14
C ILE B 83 -13.22 -9.27 6.25
N ARG B 84 -12.87 -9.71 5.05
CA ARG B 84 -13.90 -10.17 4.14
C ARG B 84 -14.52 -11.52 4.56
N PHE B 85 -13.84 -12.29 5.40
N PHE B 85 -13.71 -12.40 5.15
CA PHE B 85 -14.40 -13.58 5.87
CA PHE B 85 -14.12 -13.73 5.54
C PHE B 85 -14.66 -13.75 7.37
C PHE B 85 -13.85 -13.93 7.01
N GLY B 86 -13.70 -13.40 8.24
N GLY B 86 -14.70 -13.33 7.82
CA GLY B 86 -13.83 -13.68 9.67
CA GLY B 86 -14.50 -13.41 9.25
C GLY B 86 -13.84 -12.52 10.66
C GLY B 86 -14.95 -12.15 9.92
N ASP B 87 -15.02 -12.23 11.23
CA ASP B 87 -15.30 -11.06 12.09
C ASP B 87 -14.27 -9.94 12.07
N GLY B 88 -13.67 -9.68 10.92
CA GLY B 88 -12.59 -8.71 10.82
C GLY B 88 -11.46 -8.98 11.80
N GLY B 89 -11.29 -10.26 12.17
CA GLY B 89 -10.22 -10.66 13.07
C GLY B 89 -8.82 -10.34 12.58
N ASP B 90 -7.99 -9.81 13.49
CA ASP B 90 -6.56 -9.54 13.22
C ASP B 90 -5.76 -10.78 12.80
N VAL B 91 -4.91 -10.63 11.81
CA VAL B 91 -3.95 -11.65 11.44
C VAL B 91 -3.06 -11.98 12.63
N ARG B 92 -2.92 -13.25 13.00
CA ARG B 92 -1.83 -13.62 13.90
C ARG B 92 -0.50 -13.81 13.15
N GLN B 93 -0.55 -14.35 11.95
CA GLN B 93 0.68 -14.75 11.25
C GLN B 93 0.33 -15.17 9.84
N VAL B 94 1.21 -14.91 8.89
CA VAL B 94 1.12 -15.54 7.58
C VAL B 94 2.35 -16.40 7.39
N VAL B 95 2.17 -17.64 6.88
CA VAL B 95 3.28 -18.54 6.64
C VAL B 95 3.27 -19.02 5.19
N VAL B 96 4.41 -18.86 4.54
CA VAL B 96 4.55 -19.37 3.19
C VAL B 96 5.46 -20.57 3.30
N GLU B 97 5.02 -21.68 2.70
CA GLU B 97 5.82 -22.89 2.73
C GLU B 97 6.36 -23.08 1.33
N LEU B 98 7.67 -22.93 1.20
CA LEU B 98 8.36 -23.09 -0.08
C LEU B 98 8.95 -24.49 -0.10
N ASP B 99 9.54 -24.91 -1.21
CA ASP B 99 10.12 -26.25 -1.18
C ASP B 99 11.18 -26.41 -0.08
N SER B 100 12.08 -25.45 0.07
CA SER B 100 13.25 -25.61 0.94
C SER B 100 13.24 -24.75 2.19
N THR B 101 12.22 -23.95 2.38
CA THR B 101 12.22 -23.08 3.55
C THR B 101 10.83 -22.50 3.78
N LEU B 102 10.70 -21.73 4.86
CA LEU B 102 9.46 -21.07 5.25
C LEU B 102 9.66 -19.58 5.46
N LEU B 103 8.63 -18.81 5.15
CA LEU B 103 8.59 -17.38 5.39
C LEU B 103 7.46 -17.13 6.39
N PHE B 104 7.82 -16.59 7.55
CA PHE B 104 6.84 -16.23 8.59
C PHE B 104 6.73 -14.72 8.62
N VAL B 105 5.50 -14.22 8.65
CA VAL B 105 5.25 -12.80 8.73
C VAL B 105 4.23 -12.56 9.84
N SER B 106 4.57 -11.74 10.84
CA SER B 106 3.56 -11.30 11.81
C SER B 106 3.62 -9.82 12.02
N THR B 107 2.62 -9.24 12.72
CA THR B 107 2.73 -7.85 13.11
C THR B 107 3.87 -7.65 14.07
N ALA B 108 4.45 -6.45 14.10
CA ALA B 108 5.46 -6.14 15.10
C ALA B 108 5.15 -4.86 15.83
N GLY B 109 3.86 -4.51 15.92
CA GLY B 109 3.46 -3.23 16.47
C GLY B 109 2.82 -2.37 15.39
N SER B 110 2.30 -1.22 15.79
CA SER B 110 1.60 -0.34 14.87
C SER B 110 2.53 0.06 13.73
N GLY B 111 2.03 -0.09 12.50
CA GLY B 111 2.77 0.26 11.30
C GLY B 111 3.88 -0.71 10.90
N THR B 112 4.01 -1.82 11.62
CA THR B 112 5.22 -2.63 11.52
C THR B 112 4.97 -4.13 11.46
N CYS B 113 5.89 -4.82 10.79
N CYS B 113 5.83 -4.84 10.75
CA CYS B 113 5.83 -6.23 10.53
CA CYS B 113 5.76 -6.27 10.77
C CYS B 113 7.22 -6.83 10.69
C CYS B 113 7.15 -6.86 10.64
N LEU B 114 7.24 -8.10 11.08
CA LEU B 114 8.48 -8.86 11.19
C LEU B 114 8.38 -9.99 10.17
N ALA B 115 9.41 -10.20 9.37
CA ALA B 115 9.44 -11.27 8.39
C ALA B 115 10.69 -12.14 8.58
N VAL B 116 10.47 -13.44 8.79
CA VAL B 116 11.56 -14.37 9.13
C VAL B 116 11.59 -15.52 8.11
N LEU B 117 12.75 -15.77 7.50
CA LEU B 117 12.94 -16.96 6.66
C LEU B 117 13.61 -18.02 7.53
N ALA B 118 13.03 -19.22 7.57
CA ALA B 118 13.62 -20.32 8.34
C ALA B 118 13.35 -21.66 7.67
N GLY B 119 14.34 -22.55 7.71
CA GLY B 119 14.09 -23.91 7.25
C GLY B 119 13.12 -24.68 8.14
N ARG B 120 12.48 -25.69 7.55
CA ARG B 120 11.53 -26.59 8.23
C ARG B 120 12.07 -27.31 9.44
N GLU B 121 13.38 -27.45 9.49
CA GLU B 121 14.03 -28.01 10.68
C GLU B 121 14.10 -26.98 11.80
N ALA B 122 13.63 -25.77 11.56
CA ALA B 122 13.62 -24.77 12.65
C ALA B 122 12.55 -25.17 13.66
N ASP B 123 12.89 -25.10 14.95
CA ASP B 123 11.91 -25.40 15.98
C ASP B 123 10.86 -24.30 16.02
N ALA B 124 9.63 -24.62 15.61
CA ALA B 124 8.59 -23.60 15.40
C ALA B 124 7.99 -23.10 16.71
N ALA B 125 8.07 -23.92 17.75
CA ALA B 125 7.71 -23.45 19.10
C ALA B 125 8.68 -22.39 19.59
N VAL B 126 9.97 -22.65 19.38
CA VAL B 126 11.01 -21.72 19.77
C VAL B 126 10.97 -20.44 18.90
N LEU B 127 10.69 -20.61 17.62
CA LEU B 127 10.56 -19.45 16.74
C LEU B 127 9.40 -18.58 17.17
N GLY B 128 8.32 -19.23 17.60
CA GLY B 128 7.15 -18.53 18.08
C GLY B 128 7.48 -17.72 19.33
N TYR B 129 8.16 -18.31 20.30
N TYR B 129 8.14 -18.33 20.32
CA TYR B 129 8.52 -17.60 21.51
CA TYR B 129 8.51 -17.55 21.52
C TYR B 129 9.44 -16.43 21.18
C TYR B 129 9.33 -16.37 21.04
N GLU B 130 10.36 -16.66 20.24
CA GLU B 130 11.37 -15.64 19.89
C GLU B 130 10.78 -14.47 19.13
N MSE B 131 9.90 -14.75 18.18
CA MSE B 131 9.23 -13.67 17.46
C MSE B 131 8.32 -12.86 18.39
O MSE B 131 8.23 -11.65 18.25
CB MSE B 131 8.43 -14.19 16.27
CG MSE B 131 9.31 -14.81 15.14
SE MSE B 131 8.22 -15.59 13.67
CE MSE B 131 7.57 -13.95 12.78
N ALA B 132 7.66 -13.53 19.34
CA ALA B 132 6.83 -12.80 20.31
C ALA B 132 7.68 -11.92 21.19
N MSE B 133 8.85 -12.42 21.58
N MSE B 133 8.84 -12.44 21.58
CA MSE B 133 9.72 -11.64 22.44
CA MSE B 133 9.75 -11.68 22.43
C MSE B 133 10.24 -10.43 21.68
C MSE B 133 10.21 -10.44 21.67
O MSE B 133 10.35 -9.34 22.24
O MSE B 133 10.25 -9.34 22.24
CB MSE B 133 10.88 -12.47 22.93
CB MSE B 133 10.97 -12.49 22.82
CG MSE B 133 10.42 -13.67 23.70
CG MSE B 133 10.67 -13.86 23.41
SE MSE B 133 10.08 -13.21 25.53
SE MSE B 133 10.75 -13.84 25.35
CE MSE B 133 11.86 -13.66 26.22
CE MSE B 133 9.14 -12.76 25.67
N LEU B 134 10.58 -10.64 20.41
CA LEU B 134 11.10 -9.55 19.58
C LEU B 134 10.06 -8.42 19.46
N VAL B 135 8.81 -8.78 19.19
CA VAL B 135 7.78 -7.74 19.11
C VAL B 135 7.67 -6.91 20.39
N LYS B 136 7.62 -7.57 21.54
CA LYS B 136 7.57 -6.78 22.78
C LYS B 136 8.80 -5.89 22.95
N SER B 137 9.95 -6.31 22.45
CA SER B 137 11.15 -5.45 22.62
C SER B 137 11.18 -4.29 21.64
N VAL B 138 10.54 -4.47 20.48
CA VAL B 138 10.46 -3.42 19.49
C VAL B 138 9.57 -2.26 19.98
N ARG B 139 8.62 -2.59 20.84
CA ARG B 139 7.56 -1.68 21.21
C ARG B 139 8.05 -0.32 21.72
N PRO B 140 9.09 -0.30 22.59
CA PRO B 140 9.58 1.00 23.07
C PRO B 140 10.22 1.83 21.97
N TYR B 141 10.58 1.23 20.84
CA TYR B 141 11.16 2.06 19.78
C TYR B 141 10.09 2.66 18.86
N LEU B 142 8.86 2.16 18.96
CA LEU B 142 7.74 2.73 18.19
C LEU B 142 7.14 3.87 19.00
N MSE B 143 7.27 3.78 20.32
CA MSE B 143 6.90 4.83 21.23
C MSE B 143 8.09 5.81 21.35
O MSE B 143 8.10 6.68 22.23
CB MSE B 143 6.60 4.25 22.63
CG MSE B 143 5.71 3.02 22.65
SE MSE B 143 3.87 3.42 22.18
CE MSE B 143 3.50 4.83 23.49
N THR B 144 9.09 5.61 20.49
CA THR B 144 10.31 6.42 20.49
C THR B 144 10.97 6.53 21.88
N SER C 25 -15.02 -7.18 -8.01
CA SER C 25 -15.51 -5.86 -8.41
C SER C 25 -16.14 -5.09 -7.25
N ASP C 26 -16.78 -5.76 -6.30
CA ASP C 26 -17.32 -4.97 -5.21
C ASP C 26 -16.28 -4.72 -4.07
N LEU C 27 -15.65 -3.57 -4.07
CA LEU C 27 -14.59 -3.39 -3.10
C LEU C 27 -14.91 -2.35 -2.04
N ASP C 28 -16.19 -2.02 -1.86
CA ASP C 28 -16.52 -0.93 -0.93
C ASP C 28 -16.07 -1.29 0.47
N TRP C 29 -15.98 -2.58 0.75
CA TRP C 29 -15.58 -3.07 2.07
C TRP C 29 -14.11 -2.78 2.38
N LEU C 30 -13.27 -2.66 1.36
CA LEU C 30 -11.89 -2.20 1.59
C LEU C 30 -11.89 -0.70 1.85
N MSE C 31 -12.71 0.03 1.10
CA MSE C 31 -12.78 1.51 1.27
C MSE C 31 -13.23 1.83 2.71
O MSE C 31 -12.64 2.66 3.37
CB MSE C 31 -13.75 2.15 0.26
CG MSE C 31 -13.47 1.87 -1.23
SE MSE C 31 -11.59 2.32 -1.74
CE MSE C 31 -10.98 0.48 -2.24
N SER C 32 -14.28 1.17 3.19
CA SER C 32 -14.73 1.35 4.58
C SER C 32 -13.70 0.98 5.61
N GLY C 33 -13.04 -0.16 5.38
CA GLY C 33 -12.05 -0.67 6.30
C GLY C 33 -11.02 0.42 6.57
N LEU C 34 -10.51 1.02 5.49
CA LEU C 34 -9.56 2.11 5.57
C LEU C 34 -10.13 3.26 6.44
N VAL C 35 -11.29 3.76 6.06
CA VAL C 35 -11.86 4.92 6.75
C VAL C 35 -12.07 4.63 8.26
N GLN C 36 -12.58 3.46 8.61
N GLN C 36 -12.60 3.44 8.58
CA GLN C 36 -12.82 3.15 10.02
CA GLN C 36 -12.81 2.98 9.96
C GLN C 36 -11.51 2.91 10.80
C GLN C 36 -11.51 2.98 10.75
N ARG C 37 -10.45 2.51 10.12
CA ARG C 37 -9.16 2.39 10.79
C ARG C 37 -8.37 3.68 10.96
N VAL C 38 -8.65 4.72 10.18
CA VAL C 38 -7.90 5.96 10.32
C VAL C 38 -8.74 7.15 10.86
N PRO C 39 -8.59 7.45 12.15
CA PRO C 39 -9.27 8.62 12.73
C PRO C 39 -9.18 9.86 11.85
N HIS C 40 -10.32 10.51 11.64
CA HIS C 40 -10.41 11.80 10.92
C HIS C 40 -10.45 11.67 9.40
N THR C 41 -10.41 10.44 8.89
N THR C 41 -10.46 10.43 8.91
CA THR C 41 -10.64 10.27 7.45
CA THR C 41 -10.67 10.20 7.51
C THR C 41 -12.15 10.20 7.22
C THR C 41 -12.18 10.20 7.25
N THR C 42 -12.61 10.74 6.12
CA THR C 42 -14.02 10.80 5.84
C THR C 42 -14.42 9.99 4.60
N SER C 43 -13.54 9.87 3.61
CA SER C 43 -13.85 9.06 2.45
C SER C 43 -12.67 8.49 1.69
N ALA C 44 -12.96 7.46 0.90
CA ALA C 44 -11.96 6.79 0.07
C ALA C 44 -12.66 6.37 -1.23
N VAL C 45 -12.01 6.62 -2.36
CA VAL C 45 -12.57 6.36 -3.67
C VAL C 45 -11.50 5.65 -4.45
N LEU C 46 -11.85 4.50 -5.01
CA LEU C 46 -10.95 3.84 -5.91
C LEU C 46 -11.44 4.20 -7.29
N LEU C 47 -10.54 4.64 -8.15
CA LEU C 47 -10.98 5.10 -9.46
C LEU C 47 -10.00 4.62 -10.51
N SER C 48 -10.46 4.46 -11.75
CA SER C 48 -9.54 4.27 -12.87
C SER C 48 -8.92 5.64 -13.21
N CYS C 49 -7.76 5.63 -13.86
CA CYS C 49 -6.96 6.83 -14.11
C CYS C 49 -7.57 7.80 -15.13
N ASP C 50 -8.53 7.31 -15.90
CA ASP C 50 -9.29 8.16 -16.79
C ASP C 50 -10.41 8.86 -16.02
N GLY C 51 -10.54 8.53 -14.74
CA GLY C 51 -11.43 9.28 -13.87
C GLY C 51 -12.78 8.67 -13.52
N LEU C 52 -12.92 7.35 -13.68
CA LEU C 52 -14.20 6.71 -13.39
C LEU C 52 -14.19 5.98 -12.03
N VAL C 53 -15.31 6.05 -11.31
CA VAL C 53 -15.41 5.49 -9.96
C VAL C 53 -15.50 3.96 -10.04
N LYS C 54 -14.67 3.25 -9.28
CA LYS C 54 -14.75 1.76 -9.19
C LYS C 54 -15.31 1.32 -7.84
N SER C 55 -14.98 2.04 -6.76
N SER C 55 -14.95 2.00 -6.76
CA SER C 55 -15.39 1.67 -5.41
CA SER C 55 -15.53 1.70 -5.45
C SER C 55 -15.36 2.95 -4.53
C SER C 55 -15.47 2.99 -4.62
N VAL C 56 -16.29 3.07 -3.59
CA VAL C 56 -16.37 4.29 -2.77
C VAL C 56 -16.83 3.93 -1.38
N HIS C 57 -16.23 4.56 -0.38
CA HIS C 57 -16.90 4.71 0.90
C HIS C 57 -16.94 6.18 1.35
N GLY C 58 -18.11 6.67 1.76
CA GLY C 58 -18.18 7.95 2.44
C GLY C 58 -18.68 9.13 1.63
N LEU C 59 -18.89 8.95 0.33
CA LEU C 59 -19.43 10.04 -0.49
C LEU C 59 -20.64 9.49 -1.22
N ASP C 60 -21.64 10.32 -1.46
CA ASP C 60 -22.79 9.92 -2.25
C ASP C 60 -22.28 9.74 -3.70
N PRO C 61 -23.04 9.02 -4.53
CA PRO C 61 -22.60 8.70 -5.90
C PRO C 61 -22.12 9.88 -6.75
N ASP C 62 -22.93 10.92 -6.85
CA ASP C 62 -22.52 12.11 -7.60
C ASP C 62 -21.22 12.82 -7.07
N SER C 63 -21.12 12.97 -5.78
CA SER C 63 -19.90 13.54 -5.20
C SER C 63 -18.70 12.66 -5.54
N ALA C 64 -18.86 11.36 -5.40
CA ALA C 64 -17.77 10.45 -5.77
C ALA C 64 -17.33 10.59 -7.24
N ASP C 65 -18.26 10.82 -8.16
CA ASP C 65 -17.87 11.04 -9.56
C ASP C 65 -17.00 12.28 -9.65
N HIS C 66 -17.43 13.33 -8.97
CA HIS C 66 -16.64 14.57 -9.00
C HIS C 66 -15.26 14.37 -8.36
N MSE C 67 -15.20 13.67 -7.23
CA MSE C 67 -13.92 13.32 -6.60
C MSE C 67 -12.99 12.57 -7.58
O MSE C 67 -11.80 12.84 -7.66
CB MSE C 67 -14.08 12.47 -5.33
CG MSE C 67 -12.73 11.82 -4.80
SE MSE C 67 -11.60 13.37 -4.40
CE MSE C 67 -12.49 13.84 -2.76
N ALA C 68 -13.54 11.62 -8.31
CA ALA C 68 -12.71 10.82 -9.20
C ALA C 68 -12.19 11.63 -10.37
N ALA C 69 -13.02 12.51 -10.92
CA ALA C 69 -12.59 13.39 -12.00
C ALA C 69 -11.40 14.21 -11.52
N LEU C 70 -11.52 14.78 -10.33
N LEU C 70 -11.57 14.79 -10.34
CA LEU C 70 -10.45 15.65 -9.85
CA LEU C 70 -10.56 15.63 -9.75
C LEU C 70 -9.20 14.85 -9.52
C LEU C 70 -9.26 14.86 -9.52
N ALA C 71 -9.38 13.71 -8.86
CA ALA C 71 -8.24 12.91 -8.50
C ALA C 71 -7.48 12.43 -9.73
N SER C 72 -8.18 12.06 -10.79
CA SER C 72 -7.44 11.59 -11.97
C SER C 72 -6.72 12.77 -12.64
N GLY C 73 -7.26 13.97 -12.55
CA GLY C 73 -6.60 15.16 -13.09
C GLY C 73 -5.29 15.37 -12.38
N LEU C 74 -5.37 15.37 -11.05
CA LEU C 74 -4.21 15.63 -10.18
C LEU C 74 -3.13 14.61 -10.46
N TYR C 75 -3.57 13.35 -10.57
CA TYR C 75 -2.67 12.28 -10.91
C TYR C 75 -1.95 12.41 -12.26
N SER C 76 -2.65 12.69 -13.38
CA SER C 76 -1.94 12.84 -14.68
C SER C 76 -0.97 14.01 -14.62
N LEU C 77 -1.45 15.13 -14.08
CA LEU C 77 -0.57 16.34 -14.01
C LEU C 77 0.66 16.03 -13.17
N GLY C 78 0.47 15.34 -12.06
CA GLY C 78 1.60 14.99 -11.22
C GLY C 78 2.58 14.12 -12.01
N ARG C 79 2.03 13.17 -12.76
CA ARG C 79 2.91 12.29 -13.51
C ARG C 79 3.67 13.05 -14.61
N SER C 80 2.96 13.92 -15.33
CA SER C 80 3.60 14.73 -16.36
C SER C 80 4.73 15.64 -15.85
N ALA C 81 4.58 16.14 -14.63
CA ALA C 81 5.68 16.89 -14.02
C ALA C 81 6.88 15.97 -13.89
N GLY C 82 6.68 14.75 -13.39
CA GLY C 82 7.75 13.76 -13.37
C GLY C 82 8.40 13.52 -14.72
N ILE C 83 7.60 13.53 -15.77
CA ILE C 83 8.09 13.35 -17.13
C ILE C 83 8.84 14.57 -17.63
N ARG C 84 8.31 15.75 -17.41
CA ARG C 84 8.92 16.94 -17.99
C ARG C 84 10.15 17.40 -17.19
N PHE C 85 10.19 17.08 -15.89
CA PHE C 85 11.20 17.71 -15.01
C PHE C 85 12.01 16.70 -14.22
N GLY C 86 11.50 15.49 -14.10
CA GLY C 86 12.25 14.44 -13.44
C GLY C 86 12.81 13.44 -14.43
N ASP C 87 12.90 12.18 -14.01
CA ASP C 87 13.35 11.14 -14.93
C ASP C 87 12.18 10.25 -15.32
N GLY C 88 10.97 10.79 -15.19
CA GLY C 88 9.78 10.09 -15.62
C GLY C 88 9.49 8.94 -14.70
N GLY C 89 9.87 9.09 -13.43
CA GLY C 89 9.55 8.10 -12.42
C GLY C 89 8.04 8.00 -12.21
N ASP C 90 7.63 7.03 -11.42
CA ASP C 90 6.23 6.89 -11.09
C ASP C 90 5.81 7.82 -9.94
N VAL C 91 4.61 8.38 -10.04
CA VAL C 91 4.04 9.09 -8.92
C VAL C 91 3.88 8.18 -7.71
N ARG C 92 4.43 8.59 -6.57
CA ARG C 92 4.10 7.97 -5.29
C ARG C 92 2.74 8.50 -4.83
N GLN C 93 2.64 9.81 -4.62
CA GLN C 93 1.32 10.41 -4.35
C GLN C 93 1.22 11.89 -4.67
N VAL C 94 -0.01 12.35 -4.87
CA VAL C 94 -0.34 13.76 -4.91
C VAL C 94 -1.19 14.11 -3.69
N VAL C 95 -0.82 15.21 -3.02
CA VAL C 95 -1.51 15.68 -1.83
C VAL C 95 -1.96 17.15 -1.99
N VAL C 96 -3.26 17.38 -1.90
CA VAL C 96 -3.81 18.74 -1.87
C VAL C 96 -4.07 19.10 -0.42
N GLU C 97 -3.41 20.14 0.06
CA GLU C 97 -3.65 20.60 1.41
C GLU C 97 -4.64 21.75 1.39
N LEU C 98 -5.82 21.52 1.97
CA LEU C 98 -6.84 22.57 2.02
C LEU C 98 -6.78 23.24 3.37
N ASP C 99 -7.71 24.17 3.65
CA ASP C 99 -7.70 24.86 4.95
C ASP C 99 -7.58 23.91 6.15
N SER C 100 -8.52 22.97 6.26
CA SER C 100 -8.49 22.02 7.37
C SER C 100 -8.71 20.56 6.94
N THR C 101 -8.76 20.30 5.64
CA THR C 101 -8.80 18.92 5.17
C THR C 101 -7.64 18.70 4.21
N LEU C 102 -7.36 17.43 3.93
CA LEU C 102 -6.37 17.03 2.95
C LEU C 102 -6.94 15.96 2.02
N LEU C 103 -6.57 16.05 0.75
CA LEU C 103 -6.91 15.06 -0.25
C LEU C 103 -5.64 14.36 -0.66
N PHE C 104 -5.60 13.04 -0.45
CA PHE C 104 -4.48 12.21 -0.86
C PHE C 104 -4.89 11.37 -2.07
N VAL C 105 -4.07 11.41 -3.12
CA VAL C 105 -4.28 10.60 -4.32
C VAL C 105 -3.03 9.74 -4.59
N SER C 106 -3.19 8.42 -4.58
CA SER C 106 -2.02 7.59 -4.87
C SER C 106 -2.27 6.59 -5.95
N THR C 107 -1.18 6.06 -6.47
CA THR C 107 -1.17 5.04 -7.47
C THR C 107 -1.75 3.81 -6.81
N ALA C 108 -2.69 3.14 -7.46
CA ALA C 108 -3.30 1.97 -6.85
C ALA C 108 -3.12 0.74 -7.71
N GLY C 109 -2.13 0.79 -8.59
CA GLY C 109 -1.92 -0.31 -9.50
C GLY C 109 -2.30 0.14 -10.90
N SER C 110 -2.11 -0.75 -11.87
CA SER C 110 -2.28 -0.43 -13.28
C SER C 110 -3.62 0.21 -13.61
N GLY C 111 -3.55 1.44 -14.08
CA GLY C 111 -4.71 2.16 -14.54
C GLY C 111 -5.62 2.64 -13.43
N THR C 112 -5.14 2.57 -12.18
CA THR C 112 -5.99 2.80 -11.02
C THR C 112 -5.31 3.72 -10.02
N CYS C 113 -6.12 4.56 -9.36
N CYS C 113 -6.09 4.58 -9.36
CA CYS C 113 -5.68 5.44 -8.28
CA CYS C 113 -5.58 5.34 -8.24
C CYS C 113 -6.62 5.31 -7.08
C CYS C 113 -6.61 5.44 -7.12
N LEU C 114 -6.12 5.68 -5.92
CA LEU C 114 -6.89 5.70 -4.71
C LEU C 114 -6.86 7.13 -4.19
N ALA C 115 -8.04 7.65 -3.81
CA ALA C 115 -8.18 9.02 -3.34
C ALA C 115 -8.85 9.03 -1.96
N VAL C 116 -8.19 9.69 -1.01
CA VAL C 116 -8.67 9.74 0.35
C VAL C 116 -8.78 11.18 0.85
N LEU C 117 -9.94 11.48 1.44
CA LEU C 117 -10.17 12.77 2.12
C LEU C 117 -10.08 12.56 3.60
N ALA C 118 -9.33 13.44 4.27
CA ALA C 118 -9.14 13.34 5.71
C ALA C 118 -9.03 14.73 6.32
N GLY C 119 -9.34 14.81 7.62
CA GLY C 119 -9.09 16.01 8.39
C GLY C 119 -7.60 16.19 8.63
N ARG C 120 -7.20 17.44 8.78
CA ARG C 120 -5.86 17.83 9.19
C ARG C 120 -5.42 17.11 10.47
N GLU C 121 -6.37 16.81 11.34
CA GLU C 121 -6.05 16.03 12.54
C GLU C 121 -5.50 14.64 12.22
N ALA C 122 -5.90 14.07 11.08
CA ALA C 122 -5.45 12.70 10.74
C ALA C 122 -3.92 12.63 10.75
N ASP C 123 -3.42 11.58 11.37
CA ASP C 123 -2.00 11.24 11.33
C ASP C 123 -1.64 10.77 9.91
N ALA C 124 -0.81 11.54 9.18
CA ALA C 124 -0.54 11.21 7.78
C ALA C 124 0.41 10.03 7.60
N ALA C 125 1.04 9.65 8.70
CA ALA C 125 1.89 8.48 8.74
C ALA C 125 1.05 7.18 8.79
N VAL C 126 0.05 7.15 9.66
CA VAL C 126 -0.85 6.01 9.74
C VAL C 126 -1.65 5.95 8.45
N LEU C 127 -2.15 7.10 8.05
CA LEU C 127 -2.89 7.18 6.79
C LEU C 127 -2.09 6.67 5.62
N GLY C 128 -0.81 7.06 5.55
CA GLY C 128 0.05 6.62 4.48
C GLY C 128 0.22 5.09 4.45
N TYR C 129 0.42 4.47 5.61
CA TYR C 129 0.58 3.03 5.57
C TYR C 129 -0.74 2.27 5.33
N GLU C 130 -1.86 2.84 5.78
CA GLU C 130 -3.13 2.16 5.54
C GLU C 130 -3.45 2.25 4.07
N MSE C 131 -3.09 3.38 3.45
CA MSE C 131 -3.32 3.51 2.02
C MSE C 131 -2.48 2.51 1.24
O MSE C 131 -2.96 1.88 0.30
CB MSE C 131 -3.04 4.93 1.53
CG MSE C 131 -4.21 5.85 1.80
SE MSE C 131 -3.84 7.74 1.29
CE MSE C 131 -4.31 7.57 -0.66
N ALA C 132 -1.22 2.37 1.64
CA ALA C 132 -0.34 1.44 0.98
C ALA C 132 -0.90 0.04 1.15
N MSE C 133 -1.50 -0.23 2.31
CA MSE C 133 -2.03 -1.56 2.53
C MSE C 133 -3.27 -1.87 1.72
O MSE C 133 -3.44 -3.00 1.26
CB MSE C 133 -2.27 -1.80 3.98
CG MSE C 133 -0.94 -1.83 4.70
SE MSE C 133 -1.05 -3.20 6.02
CE MSE C 133 -1.90 -2.11 7.31
N LEU C 134 -4.12 -0.86 1.55
CA LEU C 134 -5.30 -0.99 0.72
C LEU C 134 -4.89 -1.32 -0.73
N VAL C 135 -3.85 -0.64 -1.21
CA VAL C 135 -3.30 -0.88 -2.55
C VAL C 135 -2.80 -2.32 -2.73
N LYS C 136 -2.09 -2.85 -1.74
CA LYS C 136 -1.63 -4.23 -1.87
C LYS C 136 -2.84 -5.19 -1.92
N SER C 137 -3.94 -4.83 -1.27
CA SER C 137 -5.08 -5.75 -1.25
C SER C 137 -5.92 -5.69 -2.51
N VAL C 138 -5.98 -4.51 -3.12
CA VAL C 138 -6.74 -4.29 -4.34
C VAL C 138 -6.08 -5.03 -5.49
N ARG C 139 -4.76 -5.17 -5.39
CA ARG C 139 -3.95 -5.71 -6.46
C ARG C 139 -4.48 -7.02 -7.09
N PRO C 140 -4.75 -8.05 -6.27
CA PRO C 140 -5.13 -9.27 -7.03
C PRO C 140 -6.43 -9.08 -7.77
N TYR C 141 -7.27 -8.11 -7.39
CA TYR C 141 -8.53 -7.87 -8.11
C TYR C 141 -8.32 -7.24 -9.46
N LEU C 142 -7.36 -6.34 -9.53
CA LEU C 142 -7.06 -5.70 -10.81
C LEU C 142 -6.24 -6.62 -11.70
N MSE C 143 -5.57 -7.59 -11.09
CA MSE C 143 -4.82 -8.61 -11.84
C MSE C 143 -5.67 -9.83 -12.24
O MSE C 143 -5.15 -10.85 -12.68
CB MSE C 143 -3.62 -9.09 -11.01
CG MSE C 143 -2.64 -7.97 -10.68
SE MSE C 143 -1.53 -7.53 -12.19
CE MSE C 143 -0.32 -9.05 -12.13
N THR C 144 -6.98 -9.71 -12.07
CA THR C 144 -7.87 -10.84 -12.29
C THR C 144 -8.28 -10.95 -13.76
N VAL D 24 8.97 47.57 -11.87
CA VAL D 24 8.92 46.21 -11.33
C VAL D 24 10.33 45.70 -11.00
N SER D 25 10.50 45.16 -9.79
CA SER D 25 11.79 44.63 -9.38
C SER D 25 11.97 43.13 -9.66
N ASP D 26 13.21 42.75 -9.95
CA ASP D 26 13.51 41.39 -10.36
C ASP D 26 13.68 40.50 -9.14
N LEU D 27 12.81 39.48 -9.07
CA LEU D 27 12.78 38.59 -7.92
C LEU D 27 13.54 37.32 -8.18
N ASP D 28 14.17 37.20 -9.34
CA ASP D 28 14.98 36.01 -9.59
C ASP D 28 15.95 35.73 -8.44
N TRP D 29 16.55 36.78 -7.87
CA TRP D 29 17.57 36.60 -6.83
C TRP D 29 16.94 36.00 -5.60
N LEU D 30 15.72 36.42 -5.30
CA LEU D 30 14.96 35.82 -4.21
C LEU D 30 14.68 34.33 -4.46
N MSE D 31 14.43 33.97 -5.72
CA MSE D 31 14.22 32.55 -6.06
C MSE D 31 15.53 31.78 -5.81
O MSE D 31 15.52 30.72 -5.20
CB MSE D 31 13.75 32.37 -7.50
CG MSE D 31 12.43 33.04 -7.87
SE MSE D 31 10.86 32.46 -6.82
CE MSE D 31 10.48 34.12 -5.86
N SER D 32 16.67 32.32 -6.27
CA SER D 32 17.94 31.66 -6.01
C SER D 32 18.18 31.47 -4.54
N GLY D 33 17.86 32.49 -3.76
CA GLY D 33 18.13 32.45 -2.34
C GLY D 33 17.49 31.20 -1.76
N LEU D 34 16.26 30.93 -2.18
CA LEU D 34 15.58 29.73 -1.66
C LEU D 34 16.29 28.47 -2.08
N VAL D 35 16.66 28.39 -3.35
CA VAL D 35 17.37 27.23 -3.85
C VAL D 35 18.70 26.99 -3.11
N GLN D 36 19.41 28.06 -2.76
CA GLN D 36 20.68 27.96 -2.00
C GLN D 36 20.53 27.50 -0.55
N ARG D 37 19.55 28.02 0.16
CA ARG D 37 19.33 27.73 1.57
C ARG D 37 18.80 26.34 1.90
N VAL D 38 18.30 25.62 0.90
CA VAL D 38 17.70 24.33 1.17
C VAL D 38 18.31 23.29 0.25
N PRO D 39 19.22 22.48 0.81
CA PRO D 39 19.93 21.40 0.14
C PRO D 39 18.97 20.47 -0.58
N HIS D 40 19.32 20.10 -1.81
CA HIS D 40 18.52 19.21 -2.65
C HIS D 40 17.35 19.89 -3.39
N THR D 41 17.07 21.14 -3.02
CA THR D 41 16.16 21.96 -3.82
C THR D 41 16.85 22.22 -5.15
N THR D 42 16.07 22.52 -6.18
CA THR D 42 16.60 22.46 -7.53
C THR D 42 16.15 23.66 -8.40
N SER D 43 14.94 24.17 -8.17
CA SER D 43 14.44 25.29 -8.93
C SER D 43 13.24 25.87 -8.20
N ALA D 44 12.92 27.14 -8.47
CA ALA D 44 11.81 27.82 -7.84
C ALA D 44 11.21 28.72 -8.90
N VAL D 45 9.90 28.65 -9.10
CA VAL D 45 9.22 29.50 -10.06
C VAL D 45 8.08 30.22 -9.34
N LEU D 46 8.01 31.55 -9.52
CA LEU D 46 6.86 32.31 -9.13
C LEU D 46 6.01 32.47 -10.37
N LEU D 47 4.71 32.16 -10.28
CA LEU D 47 3.83 32.25 -11.45
C LEU D 47 2.48 32.88 -11.08
N SER D 48 1.83 33.48 -12.06
CA SER D 48 0.45 33.89 -11.88
C SER D 48 -0.41 32.64 -11.88
N CYS D 49 -1.56 32.72 -11.22
CA CYS D 49 -2.45 31.57 -11.15
C CYS D 49 -2.98 31.16 -12.54
N ASP D 50 -2.87 32.05 -13.52
CA ASP D 50 -3.27 31.74 -14.89
C ASP D 50 -2.10 31.17 -15.70
N GLY D 51 -0.96 30.96 -15.01
CA GLY D 51 0.12 30.18 -15.57
C GLY D 51 1.25 30.91 -16.26
N LEU D 52 1.41 32.19 -15.95
CA LEU D 52 2.47 32.98 -16.54
C LEU D 52 3.63 33.14 -15.55
N VAL D 53 4.84 32.94 -16.05
CA VAL D 53 6.03 33.04 -15.24
C VAL D 53 6.29 34.49 -14.84
N LYS D 54 6.55 34.74 -13.56
CA LYS D 54 6.94 36.07 -13.10
C LYS D 54 8.41 36.10 -12.70
N SER D 55 8.91 35.01 -12.16
CA SER D 55 10.28 35.00 -11.68
C SER D 55 10.74 33.56 -11.55
N VAL D 56 12.04 33.31 -11.72
CA VAL D 56 12.50 31.93 -11.74
C VAL D 56 13.96 31.81 -11.39
N HIS D 57 14.32 30.72 -10.75
CA HIS D 57 15.71 30.32 -10.72
C HIS D 57 15.82 28.79 -10.90
N GLY D 58 16.76 28.35 -11.74
CA GLY D 58 17.07 26.94 -11.88
C GLY D 58 16.41 26.26 -13.07
N LEU D 59 15.60 27.01 -13.80
CA LEU D 59 15.01 26.51 -15.04
C LEU D 59 15.26 27.49 -16.18
N ASP D 60 15.67 26.96 -17.33
CA ASP D 60 15.70 27.76 -18.56
C ASP D 60 14.28 28.25 -18.87
N PRO D 61 14.16 29.27 -19.74
CA PRO D 61 12.87 29.94 -19.91
C PRO D 61 11.71 29.10 -20.49
N ASP D 62 12.02 28.14 -21.35
CA ASP D 62 10.98 27.27 -21.88
C ASP D 62 10.50 26.27 -20.83
N SER D 63 11.43 25.75 -20.03
CA SER D 63 11.06 24.84 -18.96
C SER D 63 10.23 25.59 -17.92
N ALA D 64 10.63 26.85 -17.64
CA ALA D 64 9.92 27.66 -16.65
C ALA D 64 8.47 27.88 -17.12
N ASP D 65 8.30 28.10 -18.43
CA ASP D 65 6.96 28.21 -18.99
C ASP D 65 6.15 26.94 -18.77
N HIS D 66 6.78 25.79 -18.94
CA HIS D 66 6.10 24.53 -18.72
C HIS D 66 5.77 24.36 -17.26
N MSE D 67 6.74 24.65 -16.40
CA MSE D 67 6.48 24.59 -14.96
C MSE D 67 5.25 25.45 -14.57
O MSE D 67 4.39 25.01 -13.81
CB MSE D 67 7.70 25.05 -14.16
CG MSE D 67 7.42 25.08 -12.67
SE MSE D 67 6.79 23.28 -12.07
CE MSE D 67 8.49 22.36 -12.29
N ALA D 68 5.20 26.67 -15.09
CA ALA D 68 4.08 27.55 -14.76
C ALA D 68 2.77 26.93 -15.25
N ALA D 69 2.80 26.28 -16.41
CA ALA D 69 1.60 25.72 -16.99
C ALA D 69 1.16 24.56 -16.09
N LEU D 70 2.03 23.58 -15.88
CA LEU D 70 1.68 22.48 -15.00
C LEU D 70 1.25 22.94 -13.62
N ALA D 71 2.02 23.87 -13.02
CA ALA D 71 1.75 24.25 -11.64
C ALA D 71 0.41 24.99 -11.53
N SER D 72 0.07 25.81 -12.52
CA SER D 72 -1.23 26.47 -12.51
C SER D 72 -2.38 25.44 -12.67
N GLY D 73 -2.13 24.37 -13.42
CA GLY D 73 -3.13 23.29 -13.51
C GLY D 73 -3.32 22.59 -12.16
N LEU D 74 -2.22 22.28 -11.46
CA LEU D 74 -2.30 21.63 -10.15
C LEU D 74 -3.07 22.54 -9.19
N TYR D 75 -2.71 23.80 -9.22
CA TYR D 75 -3.31 24.79 -8.34
C TYR D 75 -4.82 24.92 -8.67
N SER D 76 -5.18 24.86 -9.94
CA SER D 76 -6.59 24.97 -10.31
C SER D 76 -7.44 23.74 -9.84
N LEU D 77 -6.86 22.55 -9.91
CA LEU D 77 -7.56 21.35 -9.43
C LEU D 77 -7.68 21.37 -7.91
N GLY D 78 -6.59 21.73 -7.24
CA GLY D 78 -6.65 21.96 -5.81
C GLY D 78 -7.77 22.93 -5.44
N ARG D 79 -7.90 24.00 -6.20
CA ARG D 79 -8.90 25.01 -5.90
C ARG D 79 -10.26 24.38 -5.99
N SER D 80 -10.50 23.65 -7.09
CA SER D 80 -11.79 22.99 -7.27
C SER D 80 -12.08 22.03 -6.13
N ALA D 81 -11.07 21.28 -5.69
CA ALA D 81 -11.24 20.38 -4.56
C ALA D 81 -11.65 21.21 -3.34
N GLY D 82 -10.93 22.29 -3.05
CA GLY D 82 -11.30 23.13 -1.92
C GLY D 82 -12.76 23.56 -1.97
N ILE D 83 -13.16 24.10 -3.12
CA ILE D 83 -14.52 24.57 -3.29
C ILE D 83 -15.53 23.48 -2.97
N ARG D 84 -15.25 22.27 -3.41
CA ARG D 84 -16.23 21.19 -3.36
C ARG D 84 -16.17 20.37 -2.07
N PHE D 85 -14.96 20.08 -1.62
CA PHE D 85 -14.77 19.14 -0.52
C PHE D 85 -14.09 19.84 0.67
N GLY D 86 -13.68 21.09 0.51
CA GLY D 86 -12.97 21.76 1.58
C GLY D 86 -13.89 22.74 2.28
N ASP D 87 -13.29 23.65 3.04
CA ASP D 87 -14.11 24.68 3.66
C ASP D 87 -14.22 25.85 2.69
N GLY D 88 -14.39 25.50 1.41
CA GLY D 88 -14.54 26.48 0.34
C GLY D 88 -13.36 27.43 0.22
N GLY D 89 -12.50 27.43 1.24
CA GLY D 89 -11.33 28.29 1.28
C GLY D 89 -10.30 27.88 0.24
N ASP D 90 -9.23 28.63 0.17
CA ASP D 90 -8.21 28.39 -0.84
C ASP D 90 -7.34 27.20 -0.51
N VAL D 91 -6.70 26.68 -1.53
CA VAL D 91 -5.73 25.62 -1.39
C VAL D 91 -4.56 26.22 -0.66
N ARG D 92 -3.96 25.51 0.28
CA ARG D 92 -2.70 25.95 0.86
C ARG D 92 -1.54 25.54 -0.01
N GLN D 93 -1.52 24.27 -0.41
N GLN D 93 -1.53 24.27 -0.42
CA GLN D 93 -0.43 23.70 -1.19
CA GLN D 93 -0.52 23.81 -1.35
C GLN D 93 -0.81 22.40 -1.90
C GLN D 93 -0.90 22.47 -1.98
N VAL D 94 -0.21 22.16 -3.07
CA VAL D 94 -0.31 20.87 -3.74
C VAL D 94 1.10 20.36 -3.78
N VAL D 95 1.25 19.10 -3.36
CA VAL D 95 2.55 18.44 -3.34
C VAL D 95 2.49 17.17 -4.17
N VAL D 96 3.35 17.11 -5.19
CA VAL D 96 3.54 15.91 -6.01
C VAL D 96 4.81 15.20 -5.58
N GLU D 97 4.63 13.98 -5.07
CA GLU D 97 5.74 13.17 -4.65
C GLU D 97 5.99 12.10 -5.71
N LEU D 98 7.12 12.23 -6.40
CA LEU D 98 7.48 11.20 -7.38
C LEU D 98 8.55 10.33 -6.81
N ASP D 99 9.04 9.41 -7.61
CA ASP D 99 10.01 8.48 -7.12
C ASP D 99 11.29 9.07 -6.57
N SER D 100 11.87 10.04 -7.28
CA SER D 100 13.14 10.64 -6.84
C SER D 100 13.03 12.12 -6.55
N THR D 101 11.91 12.73 -6.92
CA THR D 101 11.77 14.17 -6.78
C THR D 101 10.40 14.61 -6.18
N LEU D 102 10.34 15.84 -5.73
CA LEU D 102 9.12 16.46 -5.18
C LEU D 102 8.81 17.77 -5.90
N LEU D 103 7.54 18.06 -6.03
CA LEU D 103 7.13 19.33 -6.56
C LEU D 103 6.15 19.89 -5.55
N PHE D 104 6.47 21.08 -5.01
CA PHE D 104 5.60 21.79 -4.06
C PHE D 104 5.03 22.99 -4.77
N VAL D 105 3.72 23.10 -4.79
CA VAL D 105 3.09 24.29 -5.36
C VAL D 105 2.29 24.97 -4.23
N SER D 106 2.72 26.16 -3.78
CA SER D 106 1.95 26.86 -2.74
C SER D 106 1.34 28.18 -3.19
N THR D 107 0.28 28.60 -2.50
CA THR D 107 -0.28 29.93 -2.68
C THR D 107 0.69 31.00 -2.20
N ALA D 108 0.70 32.14 -2.89
CA ALA D 108 1.74 33.15 -2.71
C ALA D 108 1.14 34.55 -2.66
N GLY D 109 -0.18 34.62 -2.53
CA GLY D 109 -0.87 35.89 -2.47
C GLY D 109 -0.99 36.55 -3.83
N SER D 110 -1.90 37.52 -3.93
CA SER D 110 -1.98 38.36 -5.12
C SER D 110 -2.12 37.52 -6.38
N GLY D 111 -2.82 36.39 -6.25
CA GLY D 111 -3.13 35.57 -7.40
C GLY D 111 -1.90 34.97 -8.05
N THR D 112 -0.98 34.48 -7.22
CA THR D 112 0.25 33.88 -7.71
C THR D 112 0.56 32.61 -6.91
N CYS D 113 1.49 31.80 -7.41
CA CYS D 113 1.85 30.53 -6.79
C CYS D 113 3.35 30.42 -6.87
N LEU D 114 3.93 29.66 -5.95
CA LEU D 114 5.34 29.41 -5.94
C LEU D 114 5.45 27.90 -6.18
N ALA D 115 6.19 27.51 -7.22
CA ALA D 115 6.40 26.11 -7.52
C ALA D 115 7.88 25.83 -7.32
N VAL D 116 8.18 24.85 -6.46
CA VAL D 116 9.53 24.42 -6.16
C VAL D 116 9.77 22.92 -6.39
N LEU D 117 10.83 22.59 -7.12
CA LEU D 117 11.27 21.21 -7.33
C LEU D 117 12.47 20.87 -6.43
N ALA D 118 12.48 19.68 -5.84
CA ALA D 118 13.60 19.23 -5.01
C ALA D 118 13.71 17.72 -5.08
N GLY D 119 14.91 17.21 -4.81
CA GLY D 119 15.14 15.78 -4.65
C GLY D 119 14.45 15.33 -3.36
N ARG D 120 14.04 14.06 -3.29
CA ARG D 120 13.33 13.62 -2.08
C ARG D 120 14.22 13.59 -0.84
N GLU D 121 15.51 13.81 -1.01
CA GLU D 121 16.42 13.93 0.12
C GLU D 121 16.27 15.21 0.91
N ALA D 122 15.44 16.13 0.40
CA ALA D 122 15.26 17.42 1.07
C ALA D 122 14.36 17.22 2.29
N ASP D 123 14.58 18.03 3.34
CA ASP D 123 13.71 18.04 4.51
C ASP D 123 12.51 18.93 4.27
N ALA D 124 11.33 18.32 4.18
CA ALA D 124 10.12 19.00 3.71
C ALA D 124 9.46 19.86 4.78
N ALA D 125 9.93 19.72 6.02
CA ALA D 125 9.50 20.62 7.08
C ALA D 125 10.27 21.92 6.89
N VAL D 126 11.60 21.81 6.82
CA VAL D 126 12.46 22.94 6.48
C VAL D 126 12.05 23.64 5.19
N LEU D 127 11.91 22.85 4.13
CA LEU D 127 11.68 23.43 2.83
C LEU D 127 10.36 24.15 2.87
N GLY D 128 9.46 23.66 3.71
CA GLY D 128 8.13 24.25 3.80
C GLY D 128 8.21 25.55 4.56
N TYR D 129 9.09 25.60 5.56
CA TYR D 129 9.27 26.81 6.36
C TYR D 129 9.88 27.93 5.52
N GLU D 130 11.00 27.61 4.85
CA GLU D 130 11.66 28.48 3.88
C GLU D 130 10.77 28.98 2.73
N MSE D 131 9.93 28.09 2.20
CA MSE D 131 8.97 28.51 1.18
C MSE D 131 7.95 29.52 1.72
O MSE D 131 7.63 30.51 1.04
CB MSE D 131 8.23 27.30 0.59
CG MSE D 131 9.08 26.47 -0.34
SE MSE D 131 8.02 24.91 -1.10
CE MSE D 131 6.67 25.91 -2.07
N ALA D 132 7.40 29.27 2.90
CA ALA D 132 6.51 30.25 3.50
C ALA D 132 7.25 31.56 3.78
N MSE D 133 8.50 31.48 4.24
CA MSE D 133 9.29 32.72 4.48
C MSE D 133 9.45 33.49 3.16
O MSE D 133 9.21 34.70 3.09
CB MSE D 133 10.67 32.40 5.06
CG MSE D 133 10.66 31.81 6.46
SE MSE D 133 9.81 33.04 7.75
CE MSE D 133 7.93 32.54 7.50
N LEU D 134 9.83 32.76 2.11
CA LEU D 134 9.96 33.34 0.78
C LEU D 134 8.69 34.05 0.31
N VAL D 135 7.56 33.37 0.43
CA VAL D 135 6.28 33.99 0.12
C VAL D 135 6.07 35.30 0.88
N LYS D 136 6.34 35.32 2.17
CA LYS D 136 6.14 36.55 2.90
C LYS D 136 7.14 37.62 2.46
N SER D 137 8.32 37.20 2.03
CA SER D 137 9.35 38.21 1.69
C SER D 137 9.01 38.83 0.33
N VAL D 138 8.39 38.06 -0.57
CA VAL D 138 8.04 38.61 -1.89
C VAL D 138 6.75 39.41 -1.88
N ARG D 139 5.97 39.24 -0.81
CA ARG D 139 4.65 39.88 -0.69
C ARG D 139 4.61 41.35 -1.11
N PRO D 140 5.50 42.19 -0.55
CA PRO D 140 5.43 43.63 -0.86
C PRO D 140 5.63 43.95 -2.33
N TYR D 141 6.35 43.09 -3.06
CA TYR D 141 6.66 43.39 -4.44
C TYR D 141 5.43 43.00 -5.23
N LEU D 142 4.80 41.92 -4.81
CA LEU D 142 3.57 41.44 -5.46
C LEU D 142 2.40 42.41 -5.35
N MSE D 143 2.56 43.49 -4.59
CA MSE D 143 1.50 44.47 -4.47
C MSE D 143 1.92 45.78 -5.10
O MSE D 143 1.44 46.13 -6.18
CB MSE D 143 1.16 44.71 -3.01
CG MSE D 143 0.80 43.46 -2.22
SE MSE D 143 0.31 44.00 -0.40
CE MSE D 143 1.52 45.52 -0.14
#